data_3W28
#
_entry.id   3W28
#
_cell.length_a   77.365
_cell.length_b   119.178
_cell.length_c   45.389
_cell.angle_alpha   90.00
_cell.angle_beta   90.00
_cell.angle_gamma   90.00
#
_symmetry.space_group_name_H-M   'P 21 21 2'
#
loop_
_entity.id
_entity.type
_entity.pdbx_description
1 polymer 'Glycoside hydrolase family 10'
2 branched beta-D-xylopyranose-(1-4)-beta-D-xylopyranose-(1-4)-alpha-D-xylopyranose
3 water water
#
_entity_poly.entity_id   1
_entity_poly.type   'polypeptide(L)'
_entity_poly.pdbx_seq_one_letter_code
;TIQNDIPDLYSVFKDYFPIGVAVDPSRLNDADPHAQLTAKHFNMLVAENAMKPESLQPTEGNFTFDNADKIVDYAIAHNM
KMRGHTLLWHNQVPDWFFQDPSDPSKPASRDLLLQRLRTHITTVLDHFKTKYGSQNPIIGWDVVNEVLDDNGNLRNSKWL
QIIGPDYIEKAFEYAHEADPSMKLFINDYNIENNGVKTQAMYDLVKKLKNEGVPINGIGMQMHISINSNIDNIKASIEKL
ASLGVEIQVTALDMNMNGDVSNDALLKQARLYKQLFDLFKAEKQYITAVVFWGVSDDVSWLSKPNAPLLFDSKLQAKPAY
WAIVDLGKAIPDIQSA
;
_entity_poly.pdbx_strand_id   A
#
# COMPACT_ATOMS: atom_id res chain seq x y z
N THR A 1 7.74 -12.48 -23.20
CA THR A 1 9.14 -12.67 -22.79
C THR A 1 9.69 -11.32 -22.35
N ILE A 2 10.37 -11.30 -21.22
CA ILE A 2 10.90 -10.04 -20.73
C ILE A 2 12.28 -9.73 -21.28
N GLN A 3 12.69 -8.49 -21.12
CA GLN A 3 14.00 -8.02 -21.55
C GLN A 3 14.93 -8.28 -20.38
N ASN A 4 15.79 -9.27 -20.50
CA ASN A 4 16.67 -9.63 -19.40
C ASN A 4 17.90 -8.79 -19.19
N ASP A 5 18.32 -8.07 -20.23
CA ASP A 5 19.54 -7.31 -20.10
C ASP A 5 19.47 -5.83 -19.82
N ILE A 6 18.25 -5.29 -19.71
CA ILE A 6 18.09 -3.87 -19.40
C ILE A 6 18.35 -3.71 -17.89
N PRO A 7 18.62 -2.49 -17.43
CA PRO A 7 18.86 -2.27 -16.00
C PRO A 7 17.75 -2.73 -15.05
N ASP A 8 18.14 -3.27 -13.90
CA ASP A 8 17.18 -3.70 -12.87
C ASP A 8 16.66 -2.36 -12.31
N LEU A 9 15.35 -2.12 -12.41
CA LEU A 9 14.81 -0.85 -11.94
C LEU A 9 15.23 -0.41 -10.54
N TYR A 10 15.06 -1.28 -9.56
CA TYR A 10 15.38 -0.87 -8.20
C TYR A 10 16.82 -0.45 -7.99
N SER A 11 17.72 -1.02 -8.79
CA SER A 11 19.15 -0.70 -8.64
C SER A 11 19.45 0.77 -8.92
N VAL A 12 18.66 1.38 -9.80
CA VAL A 12 18.83 2.78 -10.12
C VAL A 12 18.58 3.67 -8.90
N PHE A 13 17.82 3.14 -7.94
CA PHE A 13 17.47 3.89 -6.75
C PHE A 13 18.07 3.38 -5.47
N LYS A 14 19.14 2.59 -5.57
CA LYS A 14 19.78 2.04 -4.39
C LYS A 14 20.22 3.07 -3.35
N ASP A 15 20.54 4.29 -3.78
CA ASP A 15 20.97 5.31 -2.81
C ASP A 15 19.84 6.18 -2.33
N TYR A 16 18.62 5.79 -2.69
CA TYR A 16 17.45 6.56 -2.30
C TYR A 16 16.45 5.78 -1.47
N PHE A 17 15.89 4.72 -2.05
CA PHE A 17 14.89 3.92 -1.35
C PHE A 17 14.56 2.67 -2.15
N PRO A 18 13.99 1.65 -1.50
CA PRO A 18 13.61 0.42 -2.20
C PRO A 18 12.46 0.73 -3.19
N ILE A 19 12.40 -0.05 -4.27
CA ILE A 19 11.34 0.10 -5.27
C ILE A 19 10.59 -1.22 -5.23
N GLY A 20 9.31 -1.15 -4.89
CA GLY A 20 8.54 -2.38 -4.75
C GLY A 20 7.39 -2.48 -5.72
N VAL A 21 6.67 -3.60 -5.62
CA VAL A 21 5.55 -3.86 -6.49
C VAL A 21 4.53 -4.75 -5.80
N ALA A 22 3.25 -4.50 -6.11
CA ALA A 22 2.15 -5.29 -5.56
C ALA A 22 1.93 -6.48 -6.48
N VAL A 23 1.83 -7.67 -5.90
CA VAL A 23 1.69 -8.88 -6.68
C VAL A 23 0.55 -9.79 -6.28
N ASP A 24 0.22 -10.66 -7.22
CA ASP A 24 -0.81 -11.68 -7.10
C ASP A 24 -0.06 -13.01 -6.89
N PRO A 25 -0.55 -13.85 -5.96
CA PRO A 25 0.11 -15.14 -5.68
C PRO A 25 0.19 -16.12 -6.83
N SER A 26 -0.62 -15.92 -7.85
CA SER A 26 -0.59 -16.82 -9.00
C SER A 26 0.46 -16.41 -10.03
N ARG A 27 1.16 -15.32 -9.76
CA ARG A 27 2.19 -14.84 -10.70
C ARG A 27 3.58 -14.88 -10.09
N LEU A 28 3.87 -15.97 -9.39
CA LEU A 28 5.16 -16.12 -8.73
C LEU A 28 6.01 -17.31 -9.16
N ASN A 29 5.54 -18.08 -10.12
CA ASN A 29 6.32 -19.24 -10.57
C ASN A 29 7.51 -18.76 -11.40
N ASP A 30 8.66 -19.38 -11.17
CA ASP A 30 9.89 -19.05 -11.90
C ASP A 30 9.77 -18.99 -13.42
N ALA A 31 8.91 -19.83 -13.98
CA ALA A 31 8.72 -19.88 -15.43
C ALA A 31 7.76 -18.81 -15.96
N ASP A 32 7.08 -18.13 -15.05
CA ASP A 32 6.10 -17.11 -15.40
C ASP A 32 6.81 -15.76 -15.67
N PRO A 33 6.58 -15.17 -16.86
CA PRO A 33 7.19 -13.90 -17.22
C PRO A 33 6.88 -12.78 -16.22
N HIS A 34 5.68 -12.79 -15.64
CA HIS A 34 5.37 -11.76 -14.65
C HIS A 34 6.27 -11.89 -13.42
N ALA A 35 6.53 -13.14 -13.01
CA ALA A 35 7.40 -13.39 -11.87
C ALA A 35 8.84 -12.97 -12.24
N GLN A 36 9.22 -13.22 -13.50
CA GLN A 36 10.56 -12.84 -13.93
C GLN A 36 10.73 -11.32 -13.87
N LEU A 37 9.71 -10.59 -14.30
CA LEU A 37 9.76 -9.13 -14.24
C LEU A 37 9.85 -8.68 -12.77
N THR A 38 9.08 -9.35 -11.92
CA THR A 38 9.05 -9.03 -10.49
C THR A 38 10.41 -9.15 -9.82
N ALA A 39 11.02 -10.31 -9.97
CA ALA A 39 12.32 -10.58 -9.36
C ALA A 39 13.43 -9.73 -9.94
N LYS A 40 13.31 -9.37 -11.21
CA LYS A 40 14.36 -8.58 -11.83
C LYS A 40 14.39 -7.13 -11.39
N HIS A 41 13.20 -6.53 -11.37
CA HIS A 41 13.12 -5.10 -11.13
C HIS A 41 12.84 -4.54 -9.77
N PHE A 42 12.39 -5.39 -8.85
CA PHE A 42 11.99 -4.91 -7.54
C PHE A 42 12.69 -5.55 -6.38
N ASN A 43 12.96 -4.76 -5.34
CA ASN A 43 13.59 -5.31 -4.13
C ASN A 43 12.64 -5.18 -2.94
N MET A 44 11.35 -4.99 -3.26
CA MET A 44 10.27 -4.89 -2.24
C MET A 44 8.99 -5.42 -2.86
N LEU A 45 8.21 -6.13 -2.04
CA LEU A 45 6.95 -6.73 -2.48
C LEU A 45 5.81 -6.39 -1.55
N VAL A 46 4.62 -6.30 -2.11
CA VAL A 46 3.40 -6.08 -1.32
C VAL A 46 2.36 -7.02 -1.89
N ALA A 47 1.47 -7.56 -1.04
CA ALA A 47 0.39 -8.41 -1.55
C ALA A 47 -0.71 -7.46 -2.05
N GLU A 48 -1.09 -7.59 -3.32
CA GLU A 48 -2.13 -6.76 -3.88
C GLU A 48 -3.47 -7.01 -3.17
N ASN A 49 -3.70 -8.27 -2.79
CA ASN A 49 -4.96 -8.66 -2.15
C ASN A 49 -4.82 -9.70 -1.04
N ALA A 50 -3.76 -10.51 -1.06
CA ALA A 50 -3.69 -11.65 -0.14
C ALA A 50 -3.54 -11.39 1.33
N MET A 51 -3.29 -10.15 1.72
CA MET A 51 -3.17 -9.82 3.15
C MET A 51 -4.30 -8.91 3.65
N LYS A 52 -5.31 -8.71 2.82
CA LYS A 52 -6.49 -7.93 3.23
C LYS A 52 -7.32 -8.74 4.22
N PRO A 53 -8.19 -8.06 4.97
CA PRO A 53 -8.96 -8.82 5.98
C PRO A 53 -9.74 -10.01 5.48
N GLU A 54 -10.46 -9.87 4.36
CA GLU A 54 -11.25 -11.01 3.85
C GLU A 54 -10.35 -12.15 3.37
N SER A 55 -9.13 -11.78 2.96
CA SER A 55 -8.18 -12.77 2.45
C SER A 55 -7.50 -13.54 3.55
N LEU A 56 -7.55 -13.01 4.77
CA LEU A 56 -6.88 -13.65 5.90
C LEU A 56 -7.81 -14.27 6.93
N GLN A 57 -9.03 -13.74 7.09
CA GLN A 57 -9.97 -14.32 8.06
C GLN A 57 -11.37 -14.24 7.46
N PRO A 58 -11.63 -15.05 6.42
CA PRO A 58 -12.93 -15.01 5.75
C PRO A 58 -14.15 -15.27 6.61
N THR A 59 -14.01 -16.15 7.61
CA THR A 59 -15.08 -16.41 8.57
C THR A 59 -14.39 -16.38 9.93
N GLU A 60 -15.12 -16.13 11.01
CA GLU A 60 -14.49 -15.91 12.30
C GLU A 60 -13.69 -17.08 12.84
N GLY A 61 -12.41 -16.85 13.08
CA GLY A 61 -11.52 -17.88 13.61
C GLY A 61 -10.90 -18.75 12.52
N ASN A 62 -11.34 -18.60 11.28
CA ASN A 62 -10.86 -19.42 10.17
C ASN A 62 -9.86 -18.59 9.37
N PHE A 63 -8.59 -18.72 9.72
CA PHE A 63 -7.54 -17.94 9.07
C PHE A 63 -6.96 -18.67 7.89
N THR A 64 -6.79 -17.94 6.80
CA THR A 64 -6.32 -18.47 5.51
C THR A 64 -5.09 -17.72 5.06
N PHE A 65 -3.93 -18.16 5.55
CA PHE A 65 -2.66 -17.51 5.25
C PHE A 65 -1.88 -18.13 4.11
N ASP A 66 -2.40 -19.15 3.42
CA ASP A 66 -1.57 -19.78 2.39
C ASP A 66 -1.10 -18.83 1.28
N ASN A 67 -2.00 -18.02 0.72
CA ASN A 67 -1.58 -17.13 -0.36
C ASN A 67 -0.61 -16.07 0.13
N ALA A 68 -0.86 -15.50 1.31
CA ALA A 68 0.04 -14.51 1.87
C ALA A 68 1.42 -15.11 2.10
N ASP A 69 1.45 -16.33 2.65
CA ASP A 69 2.71 -17.01 2.93
C ASP A 69 3.46 -17.34 1.63
N LYS A 70 2.72 -17.65 0.57
CA LYS A 70 3.38 -17.94 -0.71
C LYS A 70 4.13 -16.68 -1.15
N ILE A 71 3.52 -15.50 -0.96
CA ILE A 71 4.17 -14.25 -1.34
C ILE A 71 5.37 -13.97 -0.44
N VAL A 72 5.21 -14.18 0.87
CA VAL A 72 6.32 -13.99 1.80
C VAL A 72 7.49 -14.94 1.45
N ASP A 73 7.18 -16.20 1.15
CA ASP A 73 8.23 -17.17 0.79
C ASP A 73 9.00 -16.66 -0.41
N TYR A 74 8.28 -16.14 -1.41
CA TYR A 74 8.90 -15.63 -2.62
C TYR A 74 9.78 -14.42 -2.29
N ALA A 75 9.31 -13.50 -1.46
CA ALA A 75 10.10 -12.35 -1.08
C ALA A 75 11.40 -12.80 -0.41
N ILE A 76 11.29 -13.79 0.46
CA ILE A 76 12.48 -14.28 1.15
C ILE A 76 13.45 -14.89 0.12
N ALA A 77 12.92 -15.69 -0.79
CA ALA A 77 13.77 -16.34 -1.81
C ALA A 77 14.48 -15.32 -2.71
N HIS A 78 13.87 -14.16 -2.91
CA HIS A 78 14.48 -13.13 -3.74
C HIS A 78 15.06 -11.94 -3.00
N ASN A 79 15.29 -12.12 -1.70
CA ASN A 79 15.90 -11.08 -0.87
C ASN A 79 15.17 -9.75 -0.99
N MET A 80 13.85 -9.80 -0.90
CA MET A 80 13.04 -8.60 -0.98
C MET A 80 12.43 -8.29 0.37
N LYS A 81 12.27 -7.01 0.65
CA LYS A 81 11.55 -6.60 1.85
C LYS A 81 10.08 -6.57 1.45
N MET A 82 9.20 -6.43 2.44
CA MET A 82 7.76 -6.35 2.17
C MET A 82 7.04 -5.32 3.01
N ARG A 83 5.90 -4.89 2.48
CA ARG A 83 4.98 -4.05 3.25
C ARG A 83 3.76 -4.96 3.43
N GLY A 84 3.12 -4.85 4.59
CA GLY A 84 1.90 -5.61 4.86
C GLY A 84 0.70 -4.73 4.55
N HIS A 85 -0.17 -5.17 3.66
CA HIS A 85 -1.36 -4.40 3.28
C HIS A 85 -2.56 -5.34 3.41
N THR A 86 -3.54 -5.12 4.30
CA THR A 86 -3.65 -4.00 5.25
C THR A 86 -4.51 -4.57 6.41
N LEU A 87 -4.30 -4.09 7.63
CA LEU A 87 -5.02 -4.66 8.78
C LEU A 87 -6.47 -4.24 8.93
N LEU A 88 -6.85 -3.08 8.39
CA LEU A 88 -8.21 -2.57 8.51
C LEU A 88 -8.53 -1.72 7.26
N TRP A 89 -9.72 -1.95 6.73
CA TRP A 89 -10.22 -1.24 5.55
C TRP A 89 -11.75 -1.43 5.58
N HIS A 90 -12.46 -0.63 4.79
CA HIS A 90 -13.91 -0.74 4.68
C HIS A 90 -14.29 -1.60 3.47
N ASN A 91 -13.32 -1.91 2.59
CA ASN A 91 -13.56 -2.83 1.49
C ASN A 91 -12.77 -4.11 1.78
N GLN A 92 -13.16 -5.21 1.11
CA GLN A 92 -12.50 -6.49 1.25
C GLN A 92 -12.32 -6.87 2.70
N VAL A 93 -13.39 -6.66 3.46
CA VAL A 93 -13.47 -6.99 4.88
C VAL A 93 -14.78 -7.76 5.05
N PRO A 94 -14.72 -8.94 5.67
CA PRO A 94 -15.99 -9.67 5.78
C PRO A 94 -17.05 -9.06 6.68
N ASP A 95 -18.30 -9.22 6.25
CA ASP A 95 -19.45 -8.73 6.98
C ASP A 95 -19.51 -9.26 8.43
N TRP A 96 -19.02 -10.47 8.68
CA TRP A 96 -19.15 -11.02 10.02
C TRP A 96 -18.55 -10.14 11.09
N PHE A 97 -17.50 -9.38 10.75
CA PHE A 97 -16.88 -8.51 11.76
C PHE A 97 -17.90 -7.59 12.43
N PHE A 98 -18.82 -7.09 11.61
CA PHE A 98 -19.76 -6.06 12.05
C PHE A 98 -21.12 -6.54 12.52
N GLN A 99 -21.32 -7.84 12.57
CA GLN A 99 -22.60 -8.43 12.93
C GLN A 99 -22.59 -9.04 14.31
N ASP A 100 -23.72 -8.94 14.99
CA ASP A 100 -23.89 -9.57 16.30
C ASP A 100 -23.95 -11.06 15.92
N PRO A 101 -23.11 -11.91 16.51
CA PRO A 101 -23.21 -13.32 16.10
C PRO A 101 -24.47 -14.08 16.48
N SER A 102 -25.18 -13.62 17.49
CA SER A 102 -26.41 -14.30 17.92
C SER A 102 -27.60 -13.77 17.13
N ASP A 103 -27.45 -12.58 16.54
CA ASP A 103 -28.51 -11.97 15.75
C ASP A 103 -27.83 -11.17 14.66
N PRO A 104 -27.51 -11.81 13.52
CA PRO A 104 -26.84 -11.18 12.39
C PRO A 104 -27.56 -10.03 11.71
N SER A 105 -28.78 -9.75 12.17
CA SER A 105 -29.59 -8.66 11.63
C SER A 105 -29.21 -7.38 12.41
N LYS A 106 -28.47 -7.55 13.49
CA LYS A 106 -28.05 -6.46 14.36
C LYS A 106 -26.53 -6.27 14.32
N PRO A 107 -26.08 -5.06 14.64
CA PRO A 107 -24.63 -4.78 14.62
C PRO A 107 -23.90 -5.27 15.87
N ALA A 108 -22.61 -5.59 15.70
CA ALA A 108 -21.75 -5.89 16.82
C ALA A 108 -21.62 -4.62 17.70
N SER A 109 -21.37 -4.80 18.98
CA SER A 109 -21.15 -3.66 19.87
C SER A 109 -19.74 -3.09 19.66
N ARG A 110 -19.49 -1.93 20.24
CA ARG A 110 -18.17 -1.32 20.19
C ARG A 110 -17.14 -2.28 20.80
N ASP A 111 -17.42 -2.84 21.98
CA ASP A 111 -16.45 -3.75 22.58
C ASP A 111 -16.22 -5.00 21.76
N LEU A 112 -17.27 -5.56 21.16
CA LEU A 112 -17.07 -6.79 20.38
C LEU A 112 -16.26 -6.48 19.12
N LEU A 113 -16.57 -5.40 18.43
CA LEU A 113 -15.81 -5.07 17.22
C LEU A 113 -14.37 -4.76 17.57
N LEU A 114 -14.14 -4.08 18.68
CA LEU A 114 -12.75 -3.78 19.08
C LEU A 114 -12.02 -5.09 19.42
N GLN A 115 -12.69 -6.02 20.09
CA GLN A 115 -12.06 -7.30 20.41
C GLN A 115 -11.73 -8.06 19.12
N ARG A 116 -12.65 -8.06 18.15
CA ARG A 116 -12.40 -8.75 16.90
C ARG A 116 -11.25 -8.09 16.16
N LEU A 117 -11.17 -6.77 16.21
CA LEU A 117 -10.07 -6.05 15.55
C LEU A 117 -8.75 -6.44 16.25
N ARG A 118 -8.74 -6.47 17.58
CA ARG A 118 -7.53 -6.84 18.30
C ARG A 118 -7.12 -8.27 17.96
N THR A 119 -8.08 -9.20 17.95
CA THR A 119 -7.75 -10.59 17.63
C THR A 119 -7.24 -10.71 16.20
N HIS A 120 -7.85 -10.01 15.26
CA HIS A 120 -7.39 -10.09 13.88
C HIS A 120 -5.97 -9.57 13.75
N ILE A 121 -5.74 -8.36 14.24
CA ILE A 121 -4.42 -7.75 14.15
C ILE A 121 -3.35 -8.60 14.84
N THR A 122 -3.66 -9.04 16.05
CA THR A 122 -2.68 -9.82 16.81
C THR A 122 -2.38 -11.15 16.15
N THR A 123 -3.40 -11.83 15.64
CA THR A 123 -3.17 -13.11 14.99
C THR A 123 -2.37 -12.93 13.72
N VAL A 124 -2.69 -11.91 12.93
CA VAL A 124 -1.96 -11.67 11.69
C VAL A 124 -0.48 -11.36 11.97
N LEU A 125 -0.21 -10.43 12.88
CA LEU A 125 1.19 -10.11 13.18
C LEU A 125 1.89 -11.31 13.84
N ASP A 126 1.22 -11.98 14.77
CA ASP A 126 1.86 -13.15 15.42
C ASP A 126 2.11 -14.28 14.42
N HIS A 127 1.28 -14.40 13.39
CA HIS A 127 1.48 -15.46 12.41
C HIS A 127 2.80 -15.26 11.69
N PHE A 128 3.04 -14.05 11.21
CA PHE A 128 4.28 -13.82 10.46
C PHE A 128 5.49 -13.88 11.36
N LYS A 129 5.37 -13.37 12.58
CA LYS A 129 6.50 -13.42 13.51
C LYS A 129 6.83 -14.86 13.92
N THR A 130 5.83 -15.66 14.26
CA THR A 130 6.11 -17.03 14.68
C THR A 130 6.49 -17.94 13.54
N LYS A 131 5.94 -17.75 12.35
CA LYS A 131 6.28 -18.64 11.26
C LYS A 131 7.63 -18.31 10.65
N TYR A 132 7.94 -17.02 10.56
CA TYR A 132 9.16 -16.58 9.88
C TYR A 132 10.26 -16.01 10.75
N GLY A 133 9.92 -15.62 11.97
CA GLY A 133 10.91 -15.07 12.89
C GLY A 133 11.76 -13.96 12.31
N SER A 134 13.08 -14.08 12.51
CA SER A 134 14.01 -13.07 12.02
C SER A 134 14.03 -12.99 10.48
N GLN A 135 13.49 -14.00 9.80
CA GLN A 135 13.43 -14.00 8.35
C GLN A 135 12.18 -13.28 7.82
N ASN A 136 11.28 -12.83 8.71
CA ASN A 136 10.07 -12.13 8.26
C ASN A 136 10.51 -10.90 7.44
N PRO A 137 10.13 -10.84 6.15
CA PRO A 137 10.53 -9.72 5.29
C PRO A 137 9.70 -8.46 5.46
N ILE A 138 8.56 -8.60 6.10
CA ILE A 138 7.65 -7.47 6.29
C ILE A 138 8.27 -6.45 7.25
N ILE A 139 8.46 -5.22 6.80
CA ILE A 139 9.05 -4.21 7.65
C ILE A 139 8.04 -3.26 8.24
N GLY A 140 6.82 -3.28 7.70
CA GLY A 140 5.81 -2.37 8.22
C GLY A 140 4.45 -2.74 7.66
N TRP A 141 3.41 -2.20 8.28
CA TRP A 141 2.03 -2.48 7.85
C TRP A 141 1.21 -1.22 7.70
N ASP A 142 0.29 -1.29 6.73
CA ASP A 142 -0.74 -0.27 6.57
C ASP A 142 -1.74 -0.76 7.63
N VAL A 143 -1.71 -0.10 8.79
CA VAL A 143 -2.57 -0.49 9.91
C VAL A 143 -4.01 -0.14 9.57
N VAL A 144 -4.24 1.07 9.06
CA VAL A 144 -5.56 1.44 8.59
C VAL A 144 -5.39 2.00 7.18
N ASN A 145 -6.40 1.73 6.36
CA ASN A 145 -6.42 2.14 4.96
C ASN A 145 -7.68 2.96 4.66
N GLU A 146 -7.50 4.13 4.05
CA GLU A 146 -8.62 4.95 3.57
C GLU A 146 -9.64 5.32 4.62
N VAL A 147 -9.16 5.80 5.76
CA VAL A 147 -10.08 6.18 6.83
C VAL A 147 -10.64 7.59 6.69
N LEU A 148 -10.20 8.36 5.70
CA LEU A 148 -10.73 9.71 5.47
C LEU A 148 -11.68 9.66 4.28
N ASP A 149 -12.68 10.54 4.27
CA ASP A 149 -13.54 10.58 3.09
C ASP A 149 -13.02 11.67 2.16
N ASP A 150 -13.64 11.88 1.02
CA ASP A 150 -13.03 12.86 0.15
C ASP A 150 -13.23 14.32 0.49
N ASN A 151 -13.97 14.57 1.57
CA ASN A 151 -14.16 15.93 2.04
C ASN A 151 -13.25 16.13 3.25
N GLY A 152 -12.44 15.13 3.55
CA GLY A 152 -11.55 15.26 4.70
C GLY A 152 -12.14 14.87 6.05
N ASN A 153 -13.40 14.46 6.10
CA ASN A 153 -13.95 14.02 7.37
C ASN A 153 -13.60 12.54 7.53
N LEU A 154 -13.82 11.98 8.71
CA LEU A 154 -13.59 10.55 8.86
C LEU A 154 -14.64 9.79 8.04
N ARG A 155 -14.18 8.83 7.25
CA ARG A 155 -15.07 8.01 6.44
C ARG A 155 -16.05 7.26 7.35
N ASN A 156 -17.33 7.35 7.02
CA ASN A 156 -18.35 6.73 7.86
C ASN A 156 -18.60 5.26 7.58
N SER A 157 -17.54 4.49 7.75
CA SER A 157 -17.59 3.05 7.55
C SER A 157 -18.23 2.41 8.78
N LYS A 158 -18.42 1.10 8.74
CA LYS A 158 -19.01 0.42 9.89
C LYS A 158 -18.09 0.53 11.10
N TRP A 159 -16.77 0.64 10.86
CA TRP A 159 -15.84 0.83 11.98
C TRP A 159 -16.20 2.11 12.73
N LEU A 160 -16.38 3.20 11.99
CA LEU A 160 -16.71 4.48 12.62
C LEU A 160 -18.09 4.45 13.25
N GLN A 161 -19.04 3.83 12.57
CA GLN A 161 -20.42 3.78 13.08
C GLN A 161 -20.53 3.02 14.37
N ILE A 162 -19.89 1.86 14.45
CA ILE A 162 -20.00 1.02 15.63
C ILE A 162 -19.14 1.45 16.80
N ILE A 163 -17.89 1.80 16.52
CA ILE A 163 -16.96 2.17 17.58
C ILE A 163 -16.84 3.63 17.91
N GLY A 164 -16.80 4.46 16.88
CA GLY A 164 -16.55 5.87 17.11
C GLY A 164 -15.15 6.20 16.55
N PRO A 165 -14.79 7.48 16.58
CA PRO A 165 -13.51 7.98 16.06
C PRO A 165 -12.23 7.42 16.63
N ASP A 166 -12.24 6.83 17.83
CA ASP A 166 -11.01 6.29 18.35
C ASP A 166 -10.65 4.90 17.84
N TYR A 167 -11.44 4.37 16.89
CA TYR A 167 -11.09 3.05 16.37
C TYR A 167 -9.72 3.07 15.68
N ILE A 168 -9.36 4.23 15.13
CA ILE A 168 -8.06 4.35 14.45
C ILE A 168 -6.90 4.19 15.46
N GLU A 169 -6.97 4.94 16.54
CA GLU A 169 -5.97 4.86 17.59
C GLU A 169 -5.90 3.42 18.14
N LYS A 170 -7.05 2.78 18.31
CA LYS A 170 -7.02 1.42 18.85
C LYS A 170 -6.32 0.43 17.89
N ALA A 171 -6.56 0.58 16.58
CA ALA A 171 -5.88 -0.30 15.62
C ALA A 171 -4.36 -0.18 15.76
N PHE A 172 -3.88 1.05 15.84
CA PHE A 172 -2.43 1.27 16.02
C PHE A 172 -1.93 0.71 17.34
N GLU A 173 -2.70 0.91 18.43
CA GLU A 173 -2.31 0.38 19.72
C GLU A 173 -2.19 -1.15 19.63
N TYR A 174 -3.17 -1.81 19.01
CA TYR A 174 -3.15 -3.26 18.93
C TYR A 174 -1.97 -3.76 18.10
N ALA A 175 -1.70 -3.09 16.99
CA ALA A 175 -0.60 -3.50 16.15
C ALA A 175 0.76 -3.31 16.85
N HIS A 176 0.92 -2.18 17.51
CA HIS A 176 2.17 -1.88 18.21
C HIS A 176 2.44 -2.89 19.32
N GLU A 177 1.38 -3.26 20.04
CA GLU A 177 1.52 -4.24 21.10
C GLU A 177 1.87 -5.62 20.55
N ALA A 178 1.29 -6.00 19.41
CA ALA A 178 1.56 -7.31 18.83
C ALA A 178 2.97 -7.43 18.29
N ASP A 179 3.46 -6.40 17.61
CA ASP A 179 4.82 -6.45 17.08
C ASP A 179 5.44 -5.07 17.04
N PRO A 180 6.15 -4.67 18.11
CA PRO A 180 6.79 -3.34 18.15
C PRO A 180 7.92 -3.16 17.12
N SER A 181 8.32 -4.23 16.43
CA SER A 181 9.37 -4.10 15.42
C SER A 181 8.81 -3.59 14.07
N MET A 182 7.49 -3.61 13.93
CA MET A 182 6.88 -3.16 12.66
C MET A 182 6.67 -1.65 12.60
N LYS A 183 6.99 -1.05 11.45
CA LYS A 183 6.69 0.36 11.27
C LYS A 183 5.19 0.41 10.94
N LEU A 184 4.46 1.34 11.56
CA LEU A 184 3.00 1.39 11.40
C LEU A 184 2.59 2.62 10.60
N PHE A 185 1.85 2.35 9.52
CA PHE A 185 1.38 3.37 8.59
C PHE A 185 -0.13 3.55 8.52
N ILE A 186 -0.53 4.79 8.23
CA ILE A 186 -1.92 5.14 7.91
C ILE A 186 -1.81 5.45 6.40
N ASN A 187 -2.60 4.76 5.58
CA ASN A 187 -2.50 4.85 4.12
C ASN A 187 -3.72 5.47 3.47
N ASP A 188 -3.54 6.28 2.42
CA ASP A 188 -4.73 6.86 1.75
C ASP A 188 -4.41 7.40 0.37
N TYR A 189 -5.46 7.59 -0.41
CA TYR A 189 -5.38 8.17 -1.75
C TYR A 189 -5.83 9.61 -1.73
N ASN A 190 -5.47 10.34 -2.77
CA ASN A 190 -5.79 11.77 -2.94
C ASN A 190 -5.13 12.72 -1.96
N ILE A 191 -4.26 12.18 -1.10
CA ILE A 191 -3.56 13.06 -0.17
C ILE A 191 -2.30 13.68 -0.81
N GLU A 192 -2.09 13.42 -2.10
CA GLU A 192 -0.96 14.02 -2.83
C GLU A 192 -1.44 15.25 -3.61
N ASN A 193 -2.74 15.58 -3.55
CA ASN A 193 -3.29 16.70 -4.29
C ASN A 193 -3.25 18.08 -3.64
N ASN A 194 -2.73 18.14 -2.42
CA ASN A 194 -2.64 19.35 -1.63
C ASN A 194 -3.97 20.08 -1.50
N GLY A 195 -5.03 19.29 -1.27
CA GLY A 195 -6.36 19.84 -1.11
C GLY A 195 -6.87 19.59 0.30
N VAL A 196 -8.18 19.54 0.46
CA VAL A 196 -8.76 19.33 1.78
C VAL A 196 -8.39 17.98 2.41
N LYS A 197 -8.22 16.95 1.59
CA LYS A 197 -7.88 15.64 2.15
C LYS A 197 -6.44 15.62 2.66
N THR A 198 -5.50 16.22 1.93
CA THR A 198 -4.13 16.33 2.41
C THR A 198 -4.14 17.04 3.77
N GLN A 199 -4.87 18.15 3.88
CA GLN A 199 -4.91 18.88 5.13
C GLN A 199 -5.50 18.02 6.25
N ALA A 200 -6.55 17.26 5.93
CA ALA A 200 -7.19 16.43 6.94
C ALA A 200 -6.25 15.32 7.43
N MET A 201 -5.43 14.75 6.52
CA MET A 201 -4.50 13.70 6.92
C MET A 201 -3.45 14.31 7.86
N TYR A 202 -2.97 15.48 7.48
CA TYR A 202 -1.99 16.17 8.33
C TYR A 202 -2.61 16.43 9.71
N ASP A 203 -3.84 16.94 9.73
CA ASP A 203 -4.48 17.24 11.00
C ASP A 203 -4.71 16.01 11.88
N LEU A 204 -5.13 14.92 11.24
CA LEU A 204 -5.42 13.70 11.96
C LEU A 204 -4.14 13.09 12.55
N VAL A 205 -3.08 12.99 11.75
CA VAL A 205 -1.85 12.41 12.25
C VAL A 205 -1.22 13.31 13.30
N LYS A 206 -1.31 14.62 13.12
CA LYS A 206 -0.74 15.52 14.11
C LYS A 206 -1.43 15.26 15.45
N LYS A 207 -2.76 15.15 15.40
CA LYS A 207 -3.56 14.94 16.61
C LYS A 207 -3.25 13.61 17.27
N LEU A 208 -3.27 12.54 16.49
CA LEU A 208 -3.00 11.22 17.07
C LEU A 208 -1.58 11.08 17.57
N LYS A 209 -0.61 11.61 16.86
CA LYS A 209 0.76 11.49 17.37
C LYS A 209 0.95 12.27 18.68
N ASN A 210 0.34 13.43 18.77
CA ASN A 210 0.45 14.24 19.98
C ASN A 210 -0.21 13.52 21.15
N GLU A 211 -1.13 12.61 20.85
CA GLU A 211 -1.81 11.83 21.90
C GLU A 211 -1.09 10.52 22.20
N GLY A 212 0.09 10.33 21.60
CA GLY A 212 0.88 9.15 21.87
C GLY A 212 0.55 7.94 21.01
N VAL A 213 -0.29 8.09 19.98
CA VAL A 213 -0.61 6.95 19.12
C VAL A 213 0.67 6.58 18.35
N PRO A 214 1.03 5.30 18.33
CA PRO A 214 2.27 4.87 17.64
C PRO A 214 2.26 4.79 16.13
N ILE A 215 2.01 5.92 15.50
CA ILE A 215 2.00 6.01 14.04
C ILE A 215 3.44 6.38 13.62
N ASN A 216 4.03 5.56 12.78
CA ASN A 216 5.39 5.82 12.31
C ASN A 216 5.46 6.45 10.94
N GLY A 217 4.40 6.30 10.14
CA GLY A 217 4.47 6.83 8.80
C GLY A 217 3.13 7.04 8.15
N ILE A 218 3.16 7.79 7.05
CA ILE A 218 1.98 8.04 6.24
C ILE A 218 2.25 7.43 4.88
N GLY A 219 1.31 6.59 4.44
CA GLY A 219 1.36 5.98 3.14
C GLY A 219 0.53 6.79 2.18
N MET A 220 1.17 7.23 1.12
CA MET A 220 0.52 7.98 0.05
C MET A 220 0.34 7.02 -1.10
N GLN A 221 -0.89 6.55 -1.31
CA GLN A 221 -1.14 5.61 -2.43
C GLN A 221 -0.59 6.07 -3.81
N MET A 222 -0.80 7.32 -4.12
CA MET A 222 -0.31 7.89 -5.38
C MET A 222 -0.94 7.32 -6.65
N HIS A 223 -2.27 7.17 -6.64
CA HIS A 223 -2.95 6.75 -7.87
C HIS A 223 -3.16 8.07 -8.60
N ILE A 224 -2.11 8.49 -9.30
CA ILE A 224 -2.13 9.75 -10.02
C ILE A 224 -2.69 9.62 -11.43
N SER A 225 -2.76 10.73 -12.15
CA SER A 225 -3.26 10.65 -13.52
C SER A 225 -2.30 11.39 -14.44
N ILE A 226 -2.53 11.22 -15.73
CA ILE A 226 -1.71 11.87 -16.72
C ILE A 226 -1.76 13.39 -16.58
N ASN A 227 -2.78 13.90 -15.89
CA ASN A 227 -2.97 15.35 -15.67
C ASN A 227 -2.54 15.82 -14.27
N SER A 228 -1.97 14.95 -13.46
CA SER A 228 -1.58 15.36 -12.10
C SER A 228 -0.57 16.49 -12.10
N ASN A 229 -0.67 17.35 -11.09
CA ASN A 229 0.19 18.51 -10.92
C ASN A 229 1.33 18.19 -9.95
N ILE A 230 2.56 18.13 -10.45
CA ILE A 230 3.73 17.81 -9.64
C ILE A 230 3.90 18.80 -8.48
N ASP A 231 3.61 20.08 -8.70
CA ASP A 231 3.75 21.04 -7.61
C ASP A 231 2.86 20.68 -6.42
N ASN A 232 1.65 20.19 -6.69
CA ASN A 232 0.76 19.79 -5.60
C ASN A 232 1.30 18.58 -4.87
N ILE A 233 1.92 17.65 -5.59
CA ILE A 233 2.48 16.47 -4.96
C ILE A 233 3.66 16.90 -4.05
N LYS A 234 4.51 17.81 -4.55
CA LYS A 234 5.63 18.27 -3.73
C LYS A 234 5.13 18.96 -2.47
N ALA A 235 4.12 19.81 -2.60
CA ALA A 235 3.61 20.52 -1.44
C ALA A 235 2.99 19.56 -0.41
N SER A 236 2.34 18.51 -0.91
CA SER A 236 1.72 17.51 -0.02
C SER A 236 2.77 16.73 0.74
N ILE A 237 3.83 16.32 0.04
CA ILE A 237 4.90 15.60 0.72
C ILE A 237 5.53 16.49 1.79
N GLU A 238 5.81 17.74 1.45
CA GLU A 238 6.43 18.61 2.45
C GLU A 238 5.51 18.81 3.66
N LYS A 239 4.22 19.00 3.42
CA LYS A 239 3.31 19.21 4.54
C LYS A 239 3.21 17.98 5.45
N LEU A 240 3.02 16.81 4.86
CA LEU A 240 2.90 15.60 5.66
C LEU A 240 4.21 15.26 6.36
N ALA A 241 5.32 15.51 5.67
CA ALA A 241 6.62 15.19 6.26
C ALA A 241 6.96 16.06 7.45
N SER A 242 6.32 17.24 7.55
CA SER A 242 6.61 18.12 8.68
C SER A 242 6.19 17.52 10.01
N LEU A 243 5.41 16.44 9.98
CA LEU A 243 4.97 15.78 11.20
C LEU A 243 6.03 14.87 11.84
N GLY A 244 7.16 14.68 11.16
CA GLY A 244 8.19 13.83 11.70
C GLY A 244 7.90 12.35 11.57
N VAL A 245 7.17 11.98 10.52
CA VAL A 245 6.84 10.59 10.25
C VAL A 245 7.48 10.24 8.90
N GLU A 246 7.66 8.94 8.63
CA GLU A 246 8.19 8.50 7.35
C GLU A 246 7.09 8.66 6.33
N ILE A 247 7.47 8.84 5.08
CA ILE A 247 6.50 8.88 4.00
C ILE A 247 6.82 7.72 3.08
N GLN A 248 5.82 6.94 2.67
CA GLN A 248 6.07 5.89 1.67
C GLN A 248 5.04 6.10 0.58
N VAL A 249 5.48 5.95 -0.67
CA VAL A 249 4.58 6.03 -1.84
C VAL A 249 4.22 4.57 -1.98
N THR A 250 2.98 4.25 -1.64
CA THR A 250 2.56 2.87 -1.55
C THR A 250 1.83 2.16 -2.68
N ALA A 251 1.26 2.89 -3.65
CA ALA A 251 0.47 2.22 -4.71
C ALA A 251 0.46 3.00 -6.03
N LEU A 252 1.64 3.41 -6.42
CA LEU A 252 1.82 4.22 -7.59
C LEU A 252 1.37 3.62 -8.92
N ASP A 253 0.55 4.37 -9.63
CA ASP A 253 0.18 4.06 -11.01
C ASP A 253 -0.38 5.33 -11.61
N MET A 254 -0.52 5.32 -12.95
CA MET A 254 -0.96 6.54 -13.64
C MET A 254 -2.15 6.29 -14.52
N ASN A 255 -3.26 6.93 -14.17
CA ASN A 255 -4.48 6.77 -14.95
C ASN A 255 -4.38 7.65 -16.18
N MET A 256 -4.49 7.00 -17.34
CA MET A 256 -4.37 7.66 -18.62
C MET A 256 -5.67 8.22 -19.19
N ASN A 257 -6.75 8.08 -18.43
CA ASN A 257 -8.06 8.60 -18.85
C ASN A 257 -8.45 8.17 -20.26
N GLY A 258 -8.15 6.92 -20.59
CA GLY A 258 -8.53 6.36 -21.88
C GLY A 258 -7.58 6.59 -23.03
N ASP A 259 -6.62 7.48 -22.85
CA ASP A 259 -5.68 7.80 -23.90
C ASP A 259 -4.36 7.05 -23.74
N VAL A 260 -4.24 5.97 -24.49
CA VAL A 260 -3.07 5.11 -24.48
C VAL A 260 -2.25 5.24 -25.78
N SER A 261 -2.46 6.36 -26.45
CA SER A 261 -1.74 6.64 -27.70
C SER A 261 -0.24 6.81 -27.48
N ASN A 262 0.53 6.71 -28.56
CA ASN A 262 1.97 6.88 -28.41
C ASN A 262 2.29 8.26 -27.85
N ASP A 263 1.57 9.30 -28.27
CA ASP A 263 1.79 10.64 -27.74
C ASP A 263 1.59 10.63 -26.23
N ALA A 264 0.53 9.97 -25.79
CA ALA A 264 0.25 9.92 -24.37
C ALA A 264 1.35 9.18 -23.60
N LEU A 265 1.93 8.15 -24.18
CA LEU A 265 2.99 7.42 -23.51
C LEU A 265 4.21 8.32 -23.35
N LEU A 266 4.43 9.23 -24.29
CA LEU A 266 5.57 10.14 -24.19
C LEU A 266 5.29 11.15 -23.08
N LYS A 267 4.04 11.62 -22.97
CA LYS A 267 3.66 12.56 -21.92
C LYS A 267 3.80 11.83 -20.57
N GLN A 268 3.38 10.58 -20.53
CA GLN A 268 3.50 9.77 -19.30
C GLN A 268 4.97 9.70 -18.89
N ALA A 269 5.89 9.50 -19.85
CA ALA A 269 7.31 9.41 -19.53
C ALA A 269 7.83 10.72 -18.92
N ARG A 270 7.45 11.86 -19.48
CA ARG A 270 7.89 13.13 -18.93
C ARG A 270 7.36 13.29 -17.49
N LEU A 271 6.10 12.92 -17.26
CA LEU A 271 5.52 13.08 -15.92
C LEU A 271 6.16 12.12 -14.91
N TYR A 272 6.38 10.88 -15.28
CA TYR A 272 7.04 9.94 -14.38
C TYR A 272 8.47 10.40 -14.06
N LYS A 273 9.15 10.99 -15.03
CA LYS A 273 10.51 11.48 -14.78
C LYS A 273 10.44 12.58 -13.75
N GLN A 274 9.53 13.53 -13.93
CA GLN A 274 9.40 14.60 -12.95
C GLN A 274 9.02 14.06 -11.59
N LEU A 275 8.17 13.05 -11.56
CA LEU A 275 7.73 12.48 -10.30
C LEU A 275 8.91 11.84 -9.57
N PHE A 276 9.71 11.04 -10.26
CA PHE A 276 10.82 10.41 -9.60
C PHE A 276 11.94 11.38 -9.24
N ASP A 277 12.07 12.48 -9.98
CA ASP A 277 13.08 13.48 -9.62
C ASP A 277 12.63 14.06 -8.29
N LEU A 278 11.32 14.28 -8.15
CA LEU A 278 10.78 14.82 -6.91
C LEU A 278 11.01 13.82 -5.77
N PHE A 279 10.73 12.55 -5.98
CA PHE A 279 10.92 11.58 -4.90
C PHE A 279 12.39 11.54 -4.47
N LYS A 280 13.31 11.55 -5.44
CA LYS A 280 14.74 11.54 -5.12
C LYS A 280 15.13 12.77 -4.30
N ALA A 281 14.58 13.92 -4.66
CA ALA A 281 14.85 15.17 -3.95
C ALA A 281 14.32 15.10 -2.51
N GLU A 282 13.29 14.30 -2.29
CA GLU A 282 12.67 14.16 -0.97
C GLU A 282 13.09 12.86 -0.26
N LYS A 283 14.26 12.36 -0.61
CA LYS A 283 14.76 11.12 -0.06
C LYS A 283 14.92 11.15 1.45
N GLN A 284 15.05 12.33 2.04
CA GLN A 284 15.17 12.41 3.51
C GLN A 284 13.85 12.04 4.21
N TYR A 285 12.76 11.99 3.44
CA TYR A 285 11.44 11.65 3.99
C TYR A 285 10.89 10.34 3.47
N ILE A 286 11.09 10.11 2.18
CA ILE A 286 10.54 8.92 1.54
C ILE A 286 11.38 7.68 1.76
N THR A 287 10.77 6.63 2.29
CA THR A 287 11.51 5.40 2.57
C THR A 287 11.16 4.19 1.71
N ALA A 288 10.23 4.39 0.76
CA ALA A 288 9.86 3.32 -0.17
C ALA A 288 8.95 3.89 -1.24
N VAL A 289 9.06 3.32 -2.45
CA VAL A 289 8.17 3.69 -3.55
C VAL A 289 7.73 2.36 -4.14
N VAL A 290 6.42 2.11 -4.13
CA VAL A 290 5.85 0.85 -4.63
C VAL A 290 4.85 1.10 -5.74
N PHE A 291 4.99 0.33 -6.83
CA PHE A 291 4.05 0.39 -7.97
C PHE A 291 2.91 -0.58 -7.74
N TRP A 292 1.68 -0.13 -8.05
CA TRP A 292 0.52 -1.00 -7.83
C TRP A 292 0.22 -1.91 -9.01
N GLY A 293 1.12 -2.88 -9.19
CA GLY A 293 1.00 -3.85 -10.27
C GLY A 293 2.32 -3.99 -11.01
N VAL A 294 2.56 -5.20 -11.53
CA VAL A 294 3.80 -5.50 -12.27
C VAL A 294 3.88 -4.96 -13.70
N SER A 295 2.77 -5.02 -14.41
CA SER A 295 2.74 -4.61 -15.81
C SER A 295 1.32 -4.20 -16.16
N ASP A 296 1.16 -3.42 -17.23
CA ASP A 296 -0.15 -2.89 -17.59
C ASP A 296 -1.29 -3.88 -17.71
N ASP A 297 -0.98 -5.06 -18.26
CA ASP A 297 -1.98 -6.09 -18.44
C ASP A 297 -2.56 -6.65 -17.15
N VAL A 298 -1.88 -6.45 -16.02
CA VAL A 298 -2.41 -6.93 -14.74
C VAL A 298 -2.77 -5.79 -13.80
N SER A 299 -2.88 -4.58 -14.33
CA SER A 299 -3.28 -3.42 -13.52
C SER A 299 -4.75 -3.52 -13.12
N TRP A 300 -5.06 -3.06 -11.91
CA TRP A 300 -6.42 -3.07 -11.40
C TRP A 300 -7.33 -2.05 -12.10
N LEU A 301 -6.74 -1.09 -12.82
CA LEU A 301 -7.56 -0.07 -13.50
C LEU A 301 -8.31 -0.69 -14.69
N SER A 302 -9.52 -0.22 -14.96
CA SER A 302 -10.27 -0.76 -16.09
C SER A 302 -9.62 -0.32 -17.40
N LYS A 303 -9.95 -1.05 -18.46
CA LYS A 303 -9.40 -0.80 -19.77
C LYS A 303 -10.22 0.20 -20.54
N PRO A 304 -9.58 0.92 -21.46
CA PRO A 304 -8.15 0.81 -21.79
C PRO A 304 -7.31 1.60 -20.79
N ASN A 305 -6.10 1.13 -20.55
CA ASN A 305 -5.16 1.80 -19.63
C ASN A 305 -3.74 1.47 -20.03
N ALA A 306 -2.79 2.20 -19.44
CA ALA A 306 -1.34 1.93 -19.64
C ALA A 306 -0.72 2.66 -18.44
N PRO A 307 -0.97 2.16 -17.21
CA PRO A 307 -0.49 2.85 -16.02
C PRO A 307 0.89 2.74 -15.44
N LEU A 308 1.64 1.75 -15.88
CA LEU A 308 2.91 1.40 -15.26
C LEU A 308 4.13 1.58 -16.15
N LEU A 309 5.26 1.06 -15.70
CA LEU A 309 6.50 1.21 -16.49
C LEU A 309 6.70 0.08 -17.48
N PHE A 310 5.96 -1.01 -17.36
CA PHE A 310 6.04 -2.16 -18.27
C PHE A 310 4.67 -2.34 -18.91
N ASP A 311 4.64 -2.50 -20.23
CA ASP A 311 3.39 -2.59 -20.97
C ASP A 311 2.70 -3.94 -20.95
N SER A 312 1.61 -4.04 -21.69
CA SER A 312 0.83 -5.26 -21.71
C SER A 312 1.55 -6.46 -22.33
N LYS A 313 2.73 -6.21 -22.91
CA LYS A 313 3.54 -7.29 -23.46
C LYS A 313 4.79 -7.46 -22.60
N LEU A 314 4.77 -6.81 -21.43
CA LEU A 314 5.84 -6.87 -20.44
C LEU A 314 7.13 -6.19 -20.85
N GLN A 315 7.04 -5.31 -21.84
CA GLN A 315 8.19 -4.56 -22.30
C GLN A 315 8.32 -3.19 -21.62
N ALA A 316 9.55 -2.76 -21.42
CA ALA A 316 9.81 -1.45 -20.83
C ALA A 316 9.23 -0.35 -21.73
N LYS A 317 8.52 0.59 -21.13
CA LYS A 317 7.88 1.70 -21.83
C LYS A 317 8.77 2.94 -21.80
N PRO A 318 8.36 3.98 -22.54
CA PRO A 318 9.17 5.21 -22.54
C PRO A 318 9.41 5.71 -21.11
N ALA A 319 8.42 5.52 -20.22
CA ALA A 319 8.59 6.00 -18.85
C ALA A 319 9.72 5.29 -18.11
N TYR A 320 9.91 4.02 -18.40
CA TYR A 320 10.99 3.25 -17.78
C TYR A 320 12.33 3.88 -18.20
N TRP A 321 12.48 4.08 -19.51
CA TRP A 321 13.73 4.65 -19.98
C TRP A 321 13.96 6.06 -19.46
N ALA A 322 12.91 6.85 -19.33
CA ALA A 322 13.04 8.21 -18.83
C ALA A 322 13.57 8.23 -17.39
N ILE A 323 13.15 7.26 -16.59
CA ILE A 323 13.54 7.19 -15.19
C ILE A 323 14.91 6.60 -14.94
N VAL A 324 15.31 5.61 -15.75
CA VAL A 324 16.60 4.98 -15.55
C VAL A 324 17.68 5.77 -16.28
#